data_8U4F
#
_entry.id   8U4F
#
_cell.length_a   133.505
_cell.length_b   67.641
_cell.length_c   100.640
_cell.angle_alpha   90.000
_cell.angle_beta   124.830
_cell.angle_gamma   90.000
#
_symmetry.space_group_name_H-M   'C 1 2 1'
#
loop_
_entity.id
_entity.type
_entity.pdbx_description
1 polymer Endoglucanase
2 branched beta-D-glucopyranose-(1-4)-beta-D-glucopyranose-(1-4)-beta-D-glucopyranose-(1-4)-beta-D-glucopyranose
3 non-polymer 2-AMINO-2-HYDROXYMETHYL-PROPANE-1,3-DIOL
4 non-polymer 'TETRAETHYLENE GLYCOL'
5 non-polymer beta-D-glucopyranose
6 non-polymer 'CALCIUM ION'
7 non-polymer 'CHLORIDE ION'
8 non-polymer 'SODIUM ION'
9 water water
#
_entity_poly.entity_id   1
_entity_poly.type   'polypeptide(L)'
_entity_poly.pdbx_seq_one_letter_code
;AEEYPHNYAELLQKSLLFYEAQRSGRLPENSRLNWRGDSGLEDGKDVGLDLTGGWYDAGDHVKFGLPMAYSAAILSWSVY
EYRDAYKESGQLDAALDNIKWATDYFLKAHTAPYELWGQVGNGALDHAWWGPAEVMPMKRPAYKIDAGCPGSDLAGGTAA
ALASASIIFKPTDSSYSEKLLAHAKQLYDFADRYRGKYSDCITDAQQYYNSWSGYKDELTWGAVWLYLATEEQQYLDKAL
ASVSDWGDPANWPYRWTLSWDDVTYGAQLLLARLTNDSRFVKSVERNLDYWSTGYSHNGSIERITYTPGGLAWLEQWGSL
RYASNAAFLAFVYSDWVDTEKAKRYRDFAVRQTEYMLGDNPQQRSFVVGYGKNPPKHPHHRTAHGSWANQMNVPENHRHT
LYGALVGGPGRDDSYRDDITDYASNEVAIDYNAAFTGNVAKMFQLFGKGHVPLPDFPEKETPEDEYFAEASINSSGNSYT
EIRAQLNNRSGWPAKKTDQLSFRYYVDLTEAVEAGYSAEDIKVTAGYNEGASVSELKPHDASKHIYYTEVSFSGVLIYPG
GQSAHKKEVQFRLSAPDGTSFWNPENDHSYQGLSHALLKTRYIPVYDDGRLVFGHEPGY
;
_entity_poly.pdbx_strand_id   A
#
# COMPACT_ATOMS: atom_id res chain seq x y z
N TYR A 4 9.65 -25.97 2.10
CA TYR A 4 10.45 -24.78 1.83
C TYR A 4 11.43 -24.47 2.96
N PRO A 5 12.67 -24.13 2.59
CA PRO A 5 13.68 -23.77 3.60
C PRO A 5 13.46 -22.37 4.17
N HIS A 6 12.70 -22.28 5.26
CA HIS A 6 12.30 -20.99 5.76
C HIS A 6 13.49 -20.16 6.23
N ASN A 7 13.39 -18.85 6.00
CA ASN A 7 14.36 -17.87 6.47
C ASN A 7 13.58 -16.73 7.09
N TYR A 8 13.56 -16.65 8.42
CA TYR A 8 12.71 -15.67 9.09
C TYR A 8 13.31 -14.27 9.11
N ALA A 9 14.61 -14.12 8.85
CA ALA A 9 15.14 -12.77 8.62
C ALA A 9 14.67 -12.24 7.27
N GLU A 10 14.73 -13.08 6.23
CA GLU A 10 14.19 -12.71 4.93
C GLU A 10 12.70 -12.41 5.01
N LEU A 11 11.95 -13.25 5.73
CA LEU A 11 10.51 -13.05 5.85
C LEU A 11 10.19 -11.73 6.56
N LEU A 12 10.88 -11.45 7.67
CA LEU A 12 10.65 -10.17 8.37
C LEU A 12 11.03 -9.01 7.46
N GLN A 13 12.17 -9.11 6.76
CA GLN A 13 12.58 -8.12 5.78
C GLN A 13 11.48 -7.84 4.76
N LYS A 14 10.84 -8.91 4.26
CA LYS A 14 9.82 -8.74 3.24
C LYS A 14 8.54 -8.13 3.81
N SER A 15 8.17 -8.51 5.04
CA SER A 15 6.98 -7.93 5.66
C SER A 15 7.12 -6.41 5.80
N LEU A 16 8.29 -5.94 6.23
CA LEU A 16 8.52 -4.50 6.32
C LEU A 16 8.49 -3.86 4.95
N LEU A 17 8.99 -4.57 3.93
CA LEU A 17 8.93 -4.11 2.56
C LEU A 17 7.49 -3.88 2.10
N PHE A 18 6.55 -4.69 2.57
CA PHE A 18 5.15 -4.45 2.25
C PHE A 18 4.73 -3.05 2.68
N TYR A 19 5.10 -2.65 3.90
CA TYR A 19 4.72 -1.32 4.37
C TYR A 19 5.37 -0.24 3.53
N GLU A 20 6.55 -0.51 2.98
CA GLU A 20 7.18 0.46 2.09
C GLU A 20 6.41 0.59 0.79
N ALA A 21 5.74 -0.48 0.35
CA ALA A 21 4.91 -0.38 -0.84
C ALA A 21 3.60 0.35 -0.57
N GLN A 22 3.21 0.48 0.69
CA GLN A 22 1.99 1.19 1.05
C GLN A 22 2.21 2.69 1.24
N ARG A 23 3.43 3.18 1.04
CA ARG A 23 3.72 4.58 1.35
C ARG A 23 3.04 5.51 0.35
N SER A 24 2.31 6.48 0.89
CA SER A 24 1.79 7.64 0.17
C SER A 24 2.76 8.80 0.33
N GLY A 25 2.63 9.79 -0.54
CA GLY A 25 3.39 11.02 -0.39
C GLY A 25 4.64 11.08 -1.23
N ARG A 26 5.57 11.91 -0.78
CA ARG A 26 6.84 12.09 -1.47
C ARG A 26 7.84 11.07 -0.96
N LEU A 27 8.42 10.34 -1.85
CA LEU A 27 9.28 9.26 -1.41
C LEU A 27 10.75 9.67 -1.42
N PRO A 28 11.54 9.15 -0.48
CA PRO A 28 12.97 9.48 -0.46
C PRO A 28 13.71 8.84 -1.63
N GLU A 29 14.86 9.43 -1.96
CA GLU A 29 15.59 9.00 -3.16
C GLU A 29 16.19 7.60 -2.99
N ASN A 30 16.51 7.19 -1.77
CA ASN A 30 17.06 5.86 -1.52
C ASN A 30 15.98 4.81 -1.26
N SER A 31 14.75 5.04 -1.74
N SER A 31 14.75 5.03 -1.73
CA SER A 31 13.67 4.08 -1.51
CA SER A 31 13.68 4.08 -1.49
C SER A 31 14.00 2.75 -2.18
C SER A 31 13.98 2.76 -2.18
N ARG A 32 13.65 1.65 -1.50
CA ARG A 32 14.02 0.33 -2.00
C ARG A 32 13.16 -0.12 -3.17
N LEU A 33 11.95 0.43 -3.34
CA LEU A 33 11.01 -0.06 -4.35
C LEU A 33 11.00 0.91 -5.54
N ASN A 34 11.66 0.49 -6.63
CA ASN A 34 11.75 1.34 -7.81
C ASN A 34 10.42 1.50 -8.53
N TRP A 35 9.45 0.64 -8.28
CA TRP A 35 8.15 0.74 -8.93
C TRP A 35 7.16 1.62 -8.17
N ARG A 36 7.59 2.26 -7.08
CA ARG A 36 6.78 3.25 -6.38
C ARG A 36 7.33 4.64 -6.65
N GLY A 37 6.42 5.62 -6.84
CA GLY A 37 6.80 7.00 -7.01
C GLY A 37 5.95 7.91 -6.13
N ASP A 38 6.22 9.22 -6.26
CA ASP A 38 5.46 10.23 -5.53
C ASP A 38 3.98 10.12 -5.83
N SER A 39 3.15 10.23 -4.79
CA SER A 39 1.72 10.09 -4.96
C SER A 39 1.00 10.83 -3.83
N GLY A 40 -0.28 11.13 -4.07
CA GLY A 40 -1.05 11.89 -3.10
C GLY A 40 -0.37 13.17 -2.68
N LEU A 41 0.29 13.87 -3.62
CA LEU A 41 1.04 15.05 -3.26
C LEU A 41 0.14 16.22 -2.87
N GLU A 42 -1.13 16.16 -3.21
CA GLU A 42 -2.07 17.22 -2.88
C GLU A 42 -2.97 16.87 -1.70
N ASP A 43 -2.67 15.79 -0.98
CA ASP A 43 -3.46 15.44 0.20
C ASP A 43 -3.42 16.58 1.20
N GLY A 44 -4.60 17.07 1.60
CA GLY A 44 -4.71 18.17 2.53
C GLY A 44 -4.76 19.54 1.90
N LYS A 45 -4.49 19.64 0.59
CA LYS A 45 -4.54 20.94 -0.08
C LYS A 45 -5.94 21.55 -0.02
N ASP A 46 -6.99 20.73 -0.02
CA ASP A 46 -8.34 21.29 0.02
C ASP A 46 -8.67 21.91 1.38
N VAL A 47 -7.90 21.60 2.42
CA VAL A 47 -8.09 22.21 3.73
C VAL A 47 -6.87 23.04 4.16
N GLY A 48 -5.99 23.37 3.21
CA GLY A 48 -4.86 24.23 3.49
C GLY A 48 -3.79 23.61 4.37
N LEU A 49 -3.55 22.30 4.22
CA LEU A 49 -2.63 21.58 5.09
C LEU A 49 -1.74 20.66 4.28
N ASP A 50 -0.54 20.42 4.78
CA ASP A 50 0.28 19.32 4.28
C ASP A 50 -0.15 18.06 5.01
N LEU A 51 -0.99 17.24 4.35
CA LEU A 51 -1.36 15.93 4.85
C LEU A 51 -0.75 14.82 4.00
N THR A 52 0.38 15.10 3.34
CA THR A 52 1.04 14.09 2.55
C THR A 52 1.75 13.08 3.46
N GLY A 53 1.99 11.90 2.91
CA GLY A 53 2.68 10.85 3.61
C GLY A 53 1.72 9.81 4.15
N GLY A 54 2.21 9.01 5.08
CA GLY A 54 1.37 7.97 5.62
C GLY A 54 1.23 6.80 4.65
N TRP A 55 0.38 5.86 5.08
CA TRP A 55 0.17 4.61 4.38
C TRP A 55 -1.19 4.59 3.69
N TYR A 56 -1.22 4.04 2.48
CA TYR A 56 -2.48 3.57 1.91
C TYR A 56 -2.96 2.36 2.71
N ASP A 57 -4.29 2.26 2.89
CA ASP A 57 -4.83 1.24 3.77
C ASP A 57 -4.57 -0.17 3.24
N ALA A 58 -4.89 -0.41 1.96
CA ALA A 58 -4.91 -1.77 1.43
C ALA A 58 -4.48 -1.80 -0.03
N GLY A 59 -5.29 -2.42 -0.88
CA GLY A 59 -5.06 -2.32 -2.31
C GLY A 59 -5.65 -1.08 -2.93
N ASP A 60 -6.20 -0.19 -2.10
CA ASP A 60 -6.80 1.08 -2.51
C ASP A 60 -5.88 2.22 -2.05
N HIS A 61 -6.36 3.46 -2.15
CA HIS A 61 -5.50 4.58 -1.80
C HIS A 61 -6.14 5.55 -0.81
N VAL A 62 -7.14 5.09 -0.07
CA VAL A 62 -7.65 5.86 1.06
C VAL A 62 -6.71 5.71 2.24
N LYS A 63 -6.43 6.83 2.91
CA LYS A 63 -5.66 6.81 4.16
C LYS A 63 -6.68 6.83 5.29
N PHE A 64 -7.01 5.64 5.79
CA PHE A 64 -8.01 5.44 6.85
C PHE A 64 -7.31 5.50 8.21
N GLY A 65 -7.64 6.52 9.02
CA GLY A 65 -6.88 6.79 10.23
C GLY A 65 -6.97 5.72 11.32
N LEU A 66 -8.15 5.08 11.47
CA LEU A 66 -8.28 4.15 12.59
C LEU A 66 -7.45 2.90 12.39
N PRO A 67 -7.56 2.17 11.27
CA PRO A 67 -6.64 1.04 11.07
C PRO A 67 -5.18 1.47 10.87
N MET A 68 -4.90 2.70 10.44
CA MET A 68 -3.50 3.11 10.36
C MET A 68 -2.90 3.27 11.75
N ALA A 69 -3.66 3.89 12.66
CA ALA A 69 -3.20 4.03 14.04
C ALA A 69 -2.98 2.66 14.67
N TYR A 70 -3.95 1.76 14.51
CA TYR A 70 -3.81 0.40 15.03
C TYR A 70 -2.54 -0.26 14.52
N SER A 71 -2.30 -0.19 13.21
CA SER A 71 -1.17 -0.87 12.61
C SER A 71 0.16 -0.35 13.16
N ALA A 72 0.33 0.97 13.21
CA ALA A 72 1.56 1.53 13.78
C ALA A 72 1.71 1.17 15.25
N ALA A 73 0.60 1.06 15.98
CA ALA A 73 0.67 0.69 17.39
C ALA A 73 1.15 -0.75 17.55
N ILE A 74 0.57 -1.67 16.78
CA ILE A 74 0.98 -3.07 16.90
C ILE A 74 2.40 -3.26 16.41
N LEU A 75 2.79 -2.55 15.34
CA LEU A 75 4.17 -2.63 14.87
C LEU A 75 5.14 -2.13 15.92
N SER A 76 4.83 -1.00 16.57
CA SER A 76 5.67 -0.53 17.68
C SER A 76 5.65 -1.52 18.83
N TRP A 77 4.48 -2.09 19.10
CA TRP A 77 4.38 -3.06 20.18
C TRP A 77 5.35 -4.21 19.99
N SER A 78 5.44 -4.75 18.76
CA SER A 78 6.36 -5.87 18.55
C SER A 78 7.82 -5.45 18.64
N VAL A 79 8.15 -4.22 18.28
CA VAL A 79 9.53 -3.77 18.46
C VAL A 79 9.83 -3.59 19.93
N TYR A 80 8.82 -3.21 20.72
CA TYR A 80 8.98 -3.08 22.16
C TYR A 80 9.21 -4.44 22.82
N GLU A 81 8.49 -5.47 22.38
CA GLU A 81 8.64 -6.81 22.96
C GLU A 81 9.90 -7.52 22.44
N TYR A 82 10.19 -7.42 21.14
CA TYR A 82 11.25 -8.21 20.54
C TYR A 82 12.33 -7.39 19.87
N ARG A 83 12.82 -6.34 20.52
CA ARG A 83 13.83 -5.50 19.91
C ARG A 83 15.07 -6.31 19.53
N ASP A 84 15.44 -7.30 20.35
CA ASP A 84 16.63 -8.10 20.04
C ASP A 84 16.44 -8.91 18.77
N ALA A 85 15.24 -9.45 18.55
CA ALA A 85 14.98 -10.20 17.33
C ALA A 85 15.10 -9.30 16.11
N TYR A 86 14.50 -8.11 16.19
CA TYR A 86 14.64 -7.13 15.11
C TYR A 86 16.11 -6.78 14.87
N LYS A 87 16.90 -6.64 15.94
CA LYS A 87 18.30 -6.25 15.80
C LYS A 87 19.10 -7.37 15.16
N GLU A 88 18.96 -8.59 15.68
CA GLU A 88 19.79 -9.70 15.23
C GLU A 88 19.43 -10.14 13.82
N SER A 89 18.20 -9.91 13.39
CA SER A 89 17.81 -10.20 12.01
C SER A 89 18.18 -9.07 11.05
N GLY A 90 18.78 -7.98 11.54
CA GLY A 90 19.15 -6.87 10.70
C GLY A 90 18.00 -5.96 10.30
N GLN A 91 16.87 -6.04 11.00
CA GLN A 91 15.65 -5.37 10.57
C GLN A 91 15.21 -4.24 11.50
N LEU A 92 15.99 -3.91 12.53
CA LEU A 92 15.61 -2.85 13.45
C LEU A 92 15.53 -1.48 12.74
N ASP A 93 16.56 -1.13 11.97
CA ASP A 93 16.54 0.13 11.23
C ASP A 93 15.31 0.20 10.32
N ALA A 94 15.07 -0.87 9.55
CA ALA A 94 13.92 -0.89 8.65
C ALA A 94 12.61 -0.75 9.41
N ALA A 95 12.51 -1.39 10.57
CA ALA A 95 11.26 -1.34 11.34
C ALA A 95 11.00 0.07 11.88
N LEU A 96 12.03 0.71 12.44
CA LEU A 96 11.90 2.08 12.91
C LEU A 96 11.58 3.04 11.75
N ASP A 97 12.27 2.87 10.62
CA ASP A 97 12.01 3.73 9.48
C ASP A 97 10.59 3.58 8.97
N ASN A 98 10.04 2.36 9.01
CA ASN A 98 8.70 2.18 8.48
C ASN A 98 7.64 2.67 9.48
N ILE A 99 7.86 2.48 10.77
CA ILE A 99 6.93 3.03 11.76
C ILE A 99 6.96 4.55 11.73
N LYS A 100 8.15 5.14 11.54
CA LYS A 100 8.27 6.60 11.52
C LYS A 100 7.53 7.23 10.35
N TRP A 101 7.37 6.48 9.24
CA TRP A 101 6.54 6.97 8.15
C TRP A 101 5.11 7.20 8.62
N ALA A 102 4.56 6.24 9.37
CA ALA A 102 3.22 6.39 9.90
C ALA A 102 3.15 7.50 10.94
N THR A 103 4.06 7.49 11.92
CA THR A 103 4.00 8.47 13.00
C THR A 103 4.31 9.89 12.51
N ASP A 104 5.21 10.05 11.53
CA ASP A 104 5.38 11.36 10.91
C ASP A 104 4.05 11.87 10.35
N TYR A 105 3.25 10.99 9.76
CA TYR A 105 1.96 11.41 9.23
C TYR A 105 0.99 11.76 10.36
N PHE A 106 0.97 10.97 11.44
CA PHE A 106 0.11 11.31 12.57
C PHE A 106 0.47 12.67 13.15
N LEU A 107 1.76 13.02 13.15
CA LEU A 107 2.17 14.33 13.63
C LEU A 107 1.64 15.44 12.73
N LYS A 108 1.58 15.20 11.42
N LYS A 108 1.61 15.21 11.42
CA LYS A 108 0.97 16.18 10.51
CA LYS A 108 0.97 16.15 10.51
C LYS A 108 -0.54 16.22 10.68
C LYS A 108 -0.53 16.22 10.74
N ALA A 109 -1.18 15.06 10.87
CA ALA A 109 -2.63 15.02 11.01
C ALA A 109 -3.10 15.63 12.32
N HIS A 110 -2.27 15.56 13.37
CA HIS A 110 -2.60 16.13 14.67
C HIS A 110 -2.25 17.61 14.64
N THR A 111 -3.08 18.37 13.93
CA THR A 111 -2.76 19.76 13.60
C THR A 111 -2.87 20.67 14.81
N ALA A 112 -3.73 20.33 15.75
CA ALA A 112 -3.95 21.09 16.96
C ALA A 112 -4.33 20.11 18.04
N PRO A 113 -4.22 20.49 19.32
CA PRO A 113 -4.38 19.46 20.38
C PRO A 113 -5.70 18.71 20.33
N TYR A 114 -6.79 19.37 19.99
CA TYR A 114 -8.10 18.73 19.90
C TYR A 114 -8.60 18.71 18.45
N GLU A 115 -7.70 18.44 17.50
CA GLU A 115 -8.03 18.38 16.09
C GLU A 115 -7.19 17.29 15.43
N LEU A 116 -7.84 16.33 14.77
CA LEU A 116 -7.10 15.22 14.17
C LEU A 116 -7.70 14.86 12.82
N TRP A 117 -6.92 15.05 11.75
CA TRP A 117 -7.32 14.61 10.42
C TRP A 117 -7.25 13.09 10.33
N GLY A 118 -8.38 12.46 10.00
CA GLY A 118 -8.54 11.04 10.16
C GLY A 118 -8.82 10.28 8.89
N GLN A 119 -8.95 10.99 7.77
CA GLN A 119 -9.11 10.31 6.48
C GLN A 119 -8.71 11.27 5.38
N VAL A 120 -7.97 10.76 4.39
CA VAL A 120 -7.77 11.45 3.13
C VAL A 120 -8.17 10.51 2.01
N GLY A 121 -9.08 10.96 1.17
CA GLY A 121 -9.61 10.10 0.14
C GLY A 121 -11.02 9.73 0.53
N ASN A 122 -11.92 9.75 -0.44
CA ASN A 122 -13.30 9.34 -0.27
C ASN A 122 -13.43 7.92 -0.80
N GLY A 123 -14.00 7.03 0.03
CA GLY A 123 -13.99 5.61 -0.31
C GLY A 123 -14.55 5.31 -1.68
N ALA A 124 -15.73 5.86 -1.99
CA ALA A 124 -16.38 5.58 -3.27
C ALA A 124 -15.60 6.16 -4.45
N LEU A 125 -15.10 7.40 -4.31
CA LEU A 125 -14.30 8.00 -5.38
C LEU A 125 -13.00 7.23 -5.59
N ASP A 126 -12.36 6.83 -4.51
CA ASP A 126 -11.10 6.11 -4.63
C ASP A 126 -11.31 4.72 -5.22
N HIS A 127 -12.33 3.99 -4.76
CA HIS A 127 -12.51 2.60 -5.18
C HIS A 127 -13.13 2.48 -6.57
N ALA A 128 -13.72 3.55 -7.10
CA ALA A 128 -14.31 3.49 -8.43
C ALA A 128 -13.27 3.35 -9.53
N TRP A 129 -11.99 3.57 -9.24
CA TRP A 129 -10.93 3.61 -10.23
C TRP A 129 -9.89 2.54 -9.90
N TRP A 130 -9.46 1.78 -10.92
CA TRP A 130 -8.43 0.76 -10.75
C TRP A 130 -7.16 1.17 -11.48
N GLY A 131 -6.16 1.64 -10.72
CA GLY A 131 -4.88 2.05 -11.29
C GLY A 131 -3.83 2.33 -10.24
N PRO A 132 -2.61 2.66 -10.67
CA PRO A 132 -1.51 2.84 -9.71
C PRO A 132 -1.57 4.18 -8.98
N ALA A 133 -1.11 4.16 -7.73
CA ALA A 133 -1.24 5.31 -6.85
C ALA A 133 -0.74 6.60 -7.50
N GLU A 134 0.35 6.52 -8.25
CA GLU A 134 1.05 7.72 -8.69
C GLU A 134 0.23 8.57 -9.65
N VAL A 135 -0.83 8.02 -10.25
CA VAL A 135 -1.55 8.74 -11.31
C VAL A 135 -3.04 8.89 -10.97
N MET A 136 -3.40 8.81 -9.69
CA MET A 136 -4.79 8.95 -9.28
C MET A 136 -5.41 10.19 -9.91
N PRO A 137 -6.59 10.08 -10.54
CA PRO A 137 -7.17 11.24 -11.24
C PRO A 137 -8.29 11.94 -10.48
N MET A 138 -8.76 11.35 -9.39
CA MET A 138 -9.94 11.87 -8.70
C MET A 138 -9.54 12.79 -7.55
N LYS A 139 -10.53 13.56 -7.08
CA LYS A 139 -10.32 14.38 -5.90
C LYS A 139 -10.21 13.51 -4.65
N ARG A 140 -9.43 14.00 -3.67
CA ARG A 140 -9.08 13.25 -2.48
C ARG A 140 -9.38 14.14 -1.27
N PRO A 141 -10.65 14.26 -0.89
CA PRO A 141 -11.01 15.15 0.21
C PRO A 141 -10.45 14.68 1.55
N ALA A 142 -10.19 15.65 2.42
CA ALA A 142 -9.69 15.38 3.77
C ALA A 142 -10.80 15.54 4.80
N TYR A 143 -10.79 14.68 5.83
CA TYR A 143 -11.81 14.70 6.86
C TYR A 143 -11.17 14.67 8.24
N LYS A 144 -11.77 15.39 9.19
CA LYS A 144 -11.20 15.49 10.53
C LYS A 144 -12.24 15.18 11.60
N ILE A 145 -11.75 14.84 12.78
CA ILE A 145 -12.48 14.98 14.03
C ILE A 145 -11.84 16.14 14.80
N ASP A 146 -12.64 16.79 15.63
CA ASP A 146 -12.16 17.83 16.52
C ASP A 146 -13.08 17.88 17.73
N ALA A 147 -12.97 18.95 18.51
CA ALA A 147 -13.72 19.00 19.77
C ALA A 147 -15.22 19.08 19.53
N GLY A 148 -15.63 19.77 18.47
CA GLY A 148 -17.05 19.85 18.17
C GLY A 148 -17.63 18.61 17.51
N CYS A 149 -16.77 17.74 16.97
N CYS A 149 -16.76 17.66 17.16
CA CYS A 149 -17.22 16.48 16.40
CA CYS A 149 -17.12 16.52 16.32
C CYS A 149 -16.11 15.47 16.65
C CYS A 149 -16.11 15.41 16.58
N PRO A 150 -16.18 14.76 17.76
CA PRO A 150 -15.03 14.00 18.23
C PRO A 150 -14.96 12.54 17.75
N GLY A 151 -13.95 11.85 18.26
CA GLY A 151 -13.67 10.47 17.89
C GLY A 151 -12.70 9.86 18.87
N SER A 152 -13.21 9.43 20.02
CA SER A 152 -12.36 8.89 21.09
C SER A 152 -11.64 7.62 20.64
N ASP A 153 -12.25 6.83 19.75
CA ASP A 153 -11.56 5.66 19.21
C ASP A 153 -10.37 6.07 18.35
N LEU A 154 -10.60 6.98 17.39
CA LEU A 154 -9.50 7.39 16.53
C LEU A 154 -8.40 8.10 17.32
N ALA A 155 -8.79 9.09 18.13
CA ALA A 155 -7.80 9.83 18.92
C ALA A 155 -7.12 8.93 19.94
N GLY A 156 -7.88 8.05 20.58
CA GLY A 156 -7.27 7.12 21.51
C GLY A 156 -6.29 6.17 20.85
N GLY A 157 -6.68 5.61 19.70
CA GLY A 157 -5.82 4.65 19.03
C GLY A 157 -4.57 5.30 18.47
N THR A 158 -4.70 6.52 17.94
CA THR A 158 -3.54 7.26 17.46
C THR A 158 -2.63 7.65 18.61
N ALA A 159 -3.21 8.00 19.77
CA ALA A 159 -2.40 8.26 20.95
C ALA A 159 -1.62 7.02 21.37
N ALA A 160 -2.25 5.84 21.26
CA ALA A 160 -1.53 4.60 21.54
C ALA A 160 -0.37 4.41 20.58
N ALA A 161 -0.61 4.65 19.28
CA ALA A 161 0.45 4.54 18.29
C ALA A 161 1.61 5.46 18.64
N LEU A 162 1.32 6.72 18.98
CA LEU A 162 2.40 7.65 19.29
C LEU A 162 3.11 7.27 20.58
N ALA A 163 2.35 6.90 21.62
CA ALA A 163 2.97 6.55 22.90
C ALA A 163 3.85 5.31 22.77
N SER A 164 3.34 4.28 22.10
CA SER A 164 4.14 3.07 21.89
C SER A 164 5.39 3.38 21.06
N ALA A 165 5.21 4.13 19.97
CA ALA A 165 6.35 4.53 19.17
C ALA A 165 7.34 5.36 19.97
N SER A 166 6.84 6.16 20.93
CA SER A 166 7.77 7.00 21.67
C SER A 166 8.75 6.17 22.48
N ILE A 167 8.30 5.01 22.97
CA ILE A 167 9.19 4.10 23.69
C ILE A 167 10.30 3.60 22.78
N ILE A 168 9.93 3.01 21.64
CA ILE A 168 10.91 2.32 20.81
C ILE A 168 11.87 3.29 20.12
N PHE A 169 11.51 4.57 20.01
CA PHE A 169 12.39 5.55 19.39
C PHE A 169 13.36 6.18 20.38
N LYS A 170 13.12 6.03 21.68
CA LYS A 170 13.94 6.74 22.66
C LYS A 170 15.42 6.40 22.56
N PRO A 171 15.85 5.14 22.35
CA PRO A 171 17.30 4.88 22.28
C PRO A 171 18.04 5.63 21.18
N THR A 172 17.44 5.82 20.00
CA THR A 172 18.17 6.36 18.86
C THR A 172 17.83 7.80 18.53
N ASP A 173 16.69 8.32 19.01
CA ASP A 173 16.25 9.66 18.64
C ASP A 173 15.36 10.17 19.79
N SER A 174 16.02 10.62 20.87
CA SER A 174 15.28 11.01 22.07
C SER A 174 14.35 12.19 21.80
N SER A 175 14.75 13.14 20.95
CA SER A 175 13.90 14.29 20.77
C SER A 175 12.69 13.97 19.88
N TYR A 176 12.83 13.04 18.95
CA TYR A 176 11.64 12.58 18.23
C TYR A 176 10.72 11.80 19.16
N SER A 177 11.29 10.95 20.01
CA SER A 177 10.51 10.28 21.04
C SER A 177 9.72 11.28 21.90
N GLU A 178 10.39 12.31 22.41
CA GLU A 178 9.71 13.29 23.24
C GLU A 178 8.57 13.99 22.49
N LYS A 179 8.75 14.24 21.19
CA LYS A 179 7.68 14.85 20.40
C LYS A 179 6.50 13.90 20.21
N LEU A 180 6.79 12.61 19.92
CA LEU A 180 5.73 11.61 19.88
C LEU A 180 4.95 11.57 21.18
N LEU A 181 5.67 11.56 22.30
CA LEU A 181 5.03 11.46 23.61
C LEU A 181 4.12 12.66 23.88
N ALA A 182 4.63 13.87 23.60
CA ALA A 182 3.86 15.08 23.86
C ALA A 182 2.55 15.09 23.09
N HIS A 183 2.59 14.67 21.82
CA HIS A 183 1.36 14.57 21.04
C HIS A 183 0.46 13.43 21.54
N ALA A 184 1.06 12.34 22.03
CA ALA A 184 0.27 11.23 22.57
C ALA A 184 -0.57 11.69 23.76
N LYS A 185 0.02 12.50 24.65
CA LYS A 185 -0.73 13.06 25.78
C LYS A 185 -1.87 13.96 25.31
N GLN A 186 -1.61 14.83 24.32
CA GLN A 186 -2.65 15.72 23.82
C GLN A 186 -3.80 14.94 23.20
N LEU A 187 -3.47 13.95 22.35
CA LEU A 187 -4.51 13.18 21.69
C LEU A 187 -5.34 12.37 22.70
N TYR A 188 -4.70 11.85 23.74
CA TYR A 188 -5.46 11.11 24.73
C TYR A 188 -6.42 12.02 25.48
N ASP A 189 -6.00 13.25 25.77
CA ASP A 189 -6.88 14.18 26.48
C ASP A 189 -8.07 14.55 25.60
N PHE A 190 -7.82 14.70 24.30
CA PHE A 190 -8.88 14.89 23.32
C PHE A 190 -9.87 13.74 23.37
N ALA A 191 -9.36 12.51 23.28
CA ALA A 191 -10.22 11.33 23.31
C ALA A 191 -11.02 11.24 24.62
N ASP A 192 -10.37 11.55 25.75
CA ASP A 192 -11.04 11.42 27.05
C ASP A 192 -12.07 12.51 27.25
N ARG A 193 -11.74 13.76 26.93
CA ARG A 193 -12.63 14.88 27.27
C ARG A 193 -13.80 15.03 26.31
N TYR A 194 -13.65 14.59 25.05
CA TYR A 194 -14.68 14.80 24.04
C TYR A 194 -15.07 13.44 23.48
N ARG A 195 -16.15 12.87 24.01
CA ARG A 195 -16.49 11.47 23.79
C ARG A 195 -17.34 11.28 22.54
N GLY A 196 -17.00 10.27 21.76
CA GLY A 196 -17.83 9.90 20.63
C GLY A 196 -17.12 8.93 19.70
N LYS A 197 -17.88 8.27 18.84
CA LYS A 197 -17.29 7.41 17.82
C LYS A 197 -16.88 8.24 16.60
N TYR A 198 -15.63 8.06 16.15
CA TYR A 198 -15.10 8.88 15.06
C TYR A 198 -15.94 8.74 13.80
N SER A 199 -16.54 7.57 13.56
CA SER A 199 -17.34 7.36 12.36
C SER A 199 -18.69 8.06 12.41
N ASP A 200 -19.07 8.63 13.55
CA ASP A 200 -20.20 9.56 13.56
C ASP A 200 -19.81 10.95 13.09
N CYS A 201 -18.53 11.21 12.86
N CYS A 201 -18.52 11.25 13.03
CA CYS A 201 -18.06 12.52 12.45
CA CYS A 201 -18.04 12.50 12.45
C CYS A 201 -17.28 12.51 11.13
C CYS A 201 -17.58 12.29 11.03
N ILE A 202 -16.58 11.43 10.82
CA ILE A 202 -16.12 11.15 9.48
C ILE A 202 -17.05 10.06 8.97
N THR A 203 -18.22 10.48 8.47
CA THR A 203 -19.30 9.52 8.24
C THR A 203 -18.96 8.56 7.10
N ASP A 204 -18.13 8.98 6.15
CA ASP A 204 -17.68 8.07 5.09
C ASP A 204 -17.06 6.81 5.66
N ALA A 205 -16.44 6.91 6.84
CA ALA A 205 -15.75 5.78 7.44
C ALA A 205 -16.70 4.67 7.90
N GLN A 206 -17.98 5.00 8.14
CA GLN A 206 -18.97 4.00 8.50
C GLN A 206 -19.01 2.85 7.50
N GLN A 207 -18.77 3.15 6.22
CA GLN A 207 -18.94 2.17 5.16
C GLN A 207 -17.71 1.29 4.96
N TYR A 208 -16.61 1.56 5.67
CA TYR A 208 -15.38 0.81 5.45
C TYR A 208 -14.72 0.40 6.76
N TYR A 209 -14.59 1.33 7.69
CA TYR A 209 -13.99 1.04 8.99
C TYR A 209 -14.89 1.58 10.11
N ASN A 210 -16.14 1.16 10.07
CA ASN A 210 -17.12 1.53 11.08
C ASN A 210 -16.63 1.18 12.48
N SER A 211 -16.95 2.05 13.44
CA SER A 211 -16.60 1.80 14.84
C SER A 211 -17.63 0.84 15.45
N TRP A 212 -17.46 -0.43 15.11
CA TRP A 212 -18.39 -1.46 15.57
C TRP A 212 -18.40 -1.56 17.09
N SER A 213 -17.23 -1.58 17.71
CA SER A 213 -17.11 -1.83 19.13
C SER A 213 -17.19 -0.57 19.99
N GLY A 214 -17.32 0.61 19.38
CA GLY A 214 -17.29 1.84 20.17
C GLY A 214 -15.87 2.17 20.61
N TYR A 215 -15.76 3.16 21.50
CA TYR A 215 -14.48 3.76 21.85
C TYR A 215 -13.96 3.38 23.23
N LYS A 216 -14.74 2.63 24.01
CA LYS A 216 -14.30 2.32 25.37
C LYS A 216 -13.00 1.53 25.39
N ASP A 217 -12.77 0.70 24.38
CA ASP A 217 -11.53 -0.06 24.35
C ASP A 217 -10.32 0.82 24.01
N GLU A 218 -10.49 1.80 23.12
CA GLU A 218 -9.36 2.66 22.76
C GLU A 218 -8.98 3.58 23.92
N LEU A 219 -9.96 4.03 24.72
CA LEU A 219 -9.62 4.82 25.90
C LEU A 219 -8.72 4.05 26.85
N THR A 220 -9.00 2.75 27.07
CA THR A 220 -8.14 1.94 27.92
C THR A 220 -6.78 1.73 27.27
N TRP A 221 -6.81 1.39 25.98
CA TRP A 221 -5.62 1.14 25.17
C TRP A 221 -4.69 2.37 25.16
N GLY A 222 -5.25 3.56 24.92
CA GLY A 222 -4.42 4.75 24.91
C GLY A 222 -3.85 5.07 26.27
N ALA A 223 -4.62 4.83 27.34
CA ALA A 223 -4.13 5.16 28.67
C ALA A 223 -2.98 4.23 29.07
N VAL A 224 -3.14 2.93 28.87
CA VAL A 224 -2.10 2.01 29.32
C VAL A 224 -0.82 2.21 28.52
N TRP A 225 -0.93 2.53 27.22
CA TRP A 225 0.28 2.81 26.45
C TRP A 225 0.99 4.06 26.96
N LEU A 226 0.21 5.07 27.36
CA LEU A 226 0.81 6.24 27.99
C LEU A 226 1.52 5.86 29.29
N TYR A 227 0.94 4.95 30.08
CA TYR A 227 1.63 4.52 31.29
C TYR A 227 2.94 3.82 30.96
N LEU A 228 2.92 2.90 29.98
CA LEU A 228 4.16 2.25 29.57
C LEU A 228 5.18 3.25 29.08
N ALA A 229 4.73 4.34 28.48
CA ALA A 229 5.65 5.31 27.89
C ALA A 229 6.18 6.32 28.89
N THR A 230 5.50 6.52 30.02
CA THR A 230 5.89 7.53 31.00
C THR A 230 6.18 6.97 32.38
N GLU A 231 5.62 5.81 32.73
CA GLU A 231 5.67 5.24 34.06
C GLU A 231 5.11 6.18 35.12
N GLU A 232 4.28 7.14 34.70
CA GLU A 232 3.57 8.01 35.64
C GLU A 232 2.26 7.33 36.03
N GLN A 233 2.07 7.14 37.34
CA GLN A 233 0.93 6.42 37.89
C GLN A 233 -0.40 6.94 37.39
N GLN A 234 -0.50 8.24 37.10
CA GLN A 234 -1.79 8.82 36.71
C GLN A 234 -2.39 8.10 35.50
N TYR A 235 -1.56 7.59 34.59
CA TYR A 235 -2.09 6.93 33.40
C TYR A 235 -2.51 5.49 33.67
N LEU A 236 -1.83 4.80 34.60
CA LEU A 236 -2.29 3.48 35.02
C LEU A 236 -3.63 3.58 35.73
N ASP A 237 -3.78 4.58 36.60
CA ASP A 237 -5.07 4.85 37.23
C ASP A 237 -6.14 5.14 36.19
N LYS A 238 -5.85 6.00 35.21
CA LYS A 238 -6.82 6.29 34.16
C LYS A 238 -7.21 5.05 33.39
N ALA A 239 -6.22 4.21 33.03
CA ALA A 239 -6.52 2.95 32.35
C ALA A 239 -7.44 2.08 33.18
N LEU A 240 -7.08 1.83 34.44
CA LEU A 240 -7.89 0.98 35.31
C LEU A 240 -9.27 1.58 35.53
N ALA A 241 -9.35 2.90 35.69
CA ALA A 241 -10.64 3.55 35.87
C ALA A 241 -11.50 3.41 34.63
N SER A 242 -10.90 3.54 33.45
CA SER A 242 -11.64 3.36 32.20
C SER A 242 -12.19 1.95 32.05
N VAL A 243 -11.60 0.96 32.73
CA VAL A 243 -12.07 -0.40 32.62
C VAL A 243 -13.43 -0.59 33.29
N SER A 244 -13.79 0.29 34.24
CA SER A 244 -15.11 0.20 34.84
C SER A 244 -16.22 0.37 33.81
N ASP A 245 -15.96 1.13 32.73
CA ASP A 245 -16.96 1.25 31.67
C ASP A 245 -17.10 -0.02 30.83
N TRP A 246 -16.27 -1.05 31.07
CA TRP A 246 -16.41 -2.29 30.33
C TRP A 246 -17.57 -3.15 30.86
N GLY A 247 -18.13 -2.81 32.01
CA GLY A 247 -19.19 -3.59 32.60
C GLY A 247 -18.66 -4.70 33.48
N ASP A 248 -19.58 -5.56 33.88
CA ASP A 248 -19.29 -6.73 34.70
C ASP A 248 -18.17 -7.55 34.04
N PRO A 249 -17.04 -7.78 34.73
CA PRO A 249 -15.95 -8.55 34.10
C PRO A 249 -16.36 -9.93 33.63
N ALA A 250 -17.37 -10.54 34.26
CA ALA A 250 -17.82 -11.85 33.82
C ALA A 250 -18.41 -11.82 32.42
N ASN A 251 -18.83 -10.64 31.93
CA ASN A 251 -19.46 -10.51 30.63
C ASN A 251 -18.55 -9.88 29.57
N TRP A 252 -17.28 -9.68 29.88
CA TRP A 252 -16.37 -9.12 28.88
C TRP A 252 -16.30 -10.08 27.68
N PRO A 253 -16.29 -9.56 26.46
CA PRO A 253 -16.25 -10.44 25.29
C PRO A 253 -14.92 -11.18 25.20
N TYR A 254 -14.98 -12.39 24.62
CA TYR A 254 -13.80 -13.21 24.41
C TYR A 254 -13.83 -14.00 23.12
N ARG A 255 -14.91 -13.96 22.34
CA ARG A 255 -15.02 -14.78 21.13
C ARG A 255 -14.43 -14.10 19.90
N TRP A 256 -13.92 -12.88 20.02
CA TRP A 256 -13.27 -12.25 18.89
C TRP A 256 -11.76 -12.25 19.15
N THR A 257 -11.05 -11.24 18.68
CA THR A 257 -9.62 -11.12 18.92
C THR A 257 -9.19 -9.69 18.66
N LEU A 258 -7.91 -9.41 18.97
CA LEU A 258 -7.31 -8.12 18.69
C LEU A 258 -7.52 -7.76 17.21
N SER A 259 -8.03 -6.56 16.97
CA SER A 259 -8.28 -6.09 15.61
C SER A 259 -8.23 -4.56 15.57
N TRP A 260 -8.23 -4.02 14.34
CA TRP A 260 -8.23 -2.58 14.17
C TRP A 260 -9.42 -1.92 14.86
N ASP A 261 -10.51 -2.65 15.08
CA ASP A 261 -11.69 -2.08 15.72
C ASP A 261 -11.73 -2.32 17.22
N ASP A 262 -11.24 -3.47 17.69
CA ASP A 262 -11.38 -3.85 19.09
C ASP A 262 -10.01 -4.13 19.67
N VAL A 263 -9.52 -3.20 20.50
CA VAL A 263 -8.23 -3.35 21.16
C VAL A 263 -8.39 -3.75 22.62
N THR A 264 -9.60 -4.15 23.04
CA THR A 264 -9.78 -4.72 24.37
C THR A 264 -8.76 -5.82 24.62
N TYR A 265 -8.57 -6.69 23.62
CA TYR A 265 -7.69 -7.84 23.79
C TYR A 265 -6.25 -7.42 24.03
N GLY A 266 -5.81 -6.35 23.36
CA GLY A 266 -4.48 -5.82 23.65
C GLY A 266 -4.40 -5.15 25.01
N ALA A 267 -5.39 -4.32 25.34
CA ALA A 267 -5.35 -3.55 26.59
C ALA A 267 -5.40 -4.47 27.82
N GLN A 268 -6.31 -5.45 27.81
CA GLN A 268 -6.39 -6.36 28.95
C GLN A 268 -5.12 -7.19 29.10
N LEU A 269 -4.48 -7.56 27.99
CA LEU A 269 -3.21 -8.28 28.06
C LEU A 269 -2.14 -7.42 28.73
N LEU A 270 -1.99 -6.18 28.26
CA LEU A 270 -1.01 -5.27 28.85
C LEU A 270 -1.30 -5.02 30.33
N LEU A 271 -2.58 -4.79 30.66
CA LEU A 271 -2.92 -4.55 32.05
C LEU A 271 -2.69 -5.78 32.90
N ALA A 272 -2.92 -6.98 32.33
CA ALA A 272 -2.69 -8.22 33.09
C ALA A 272 -1.25 -8.31 33.53
N ARG A 273 -0.31 -8.02 32.63
CA ARG A 273 1.11 -8.05 32.97
C ARG A 273 1.47 -6.99 34.00
N LEU A 274 0.81 -5.83 33.95
CA LEU A 274 1.15 -4.75 34.87
C LEU A 274 0.54 -4.95 36.25
N THR A 275 -0.63 -5.58 36.34
CA THR A 275 -1.34 -5.66 37.61
C THR A 275 -1.46 -7.07 38.17
N ASN A 276 -1.43 -8.10 37.33
CA ASN A 276 -1.79 -9.46 37.76
C ASN A 276 -3.20 -9.49 38.35
N ASP A 277 -4.06 -8.55 37.93
CA ASP A 277 -5.43 -8.51 38.40
C ASP A 277 -6.23 -9.63 37.74
N SER A 278 -7.00 -10.38 38.55
CA SER A 278 -7.66 -11.57 38.02
C SER A 278 -8.67 -11.22 36.93
N ARG A 279 -9.26 -10.01 36.98
CA ARG A 279 -10.16 -9.60 35.92
C ARG A 279 -9.49 -9.68 34.56
N PHE A 280 -8.24 -9.20 34.46
CA PHE A 280 -7.58 -9.20 33.17
C PHE A 280 -7.00 -10.58 32.84
N VAL A 281 -6.41 -11.25 33.84
CA VAL A 281 -5.84 -12.57 33.63
C VAL A 281 -6.91 -13.53 33.12
N LYS A 282 -8.09 -13.53 33.75
CA LYS A 282 -9.13 -14.47 33.34
C LYS A 282 -9.71 -14.09 31.99
N SER A 283 -9.89 -12.79 31.72
CA SER A 283 -10.42 -12.40 30.42
C SER A 283 -9.45 -12.75 29.29
N VAL A 284 -8.15 -12.54 29.51
CA VAL A 284 -7.15 -12.91 28.49
C VAL A 284 -7.22 -14.41 28.21
N GLU A 285 -7.28 -15.22 29.28
CA GLU A 285 -7.22 -16.66 29.11
C GLU A 285 -8.54 -17.24 28.59
N ARG A 286 -9.68 -16.59 28.87
CA ARG A 286 -10.93 -16.98 28.21
C ARG A 286 -10.79 -16.87 26.69
N ASN A 287 -10.27 -15.75 26.22
CA ASN A 287 -10.10 -15.54 24.78
C ASN A 287 -9.12 -16.54 24.21
N LEU A 288 -7.96 -16.72 24.86
CA LEU A 288 -6.95 -17.58 24.28
C LEU A 288 -7.32 -19.05 24.42
N ASP A 289 -8.05 -19.42 25.47
CA ASP A 289 -8.60 -20.78 25.53
C ASP A 289 -9.56 -21.03 24.38
N TYR A 290 -10.51 -20.12 24.18
CA TYR A 290 -11.46 -20.23 23.08
C TYR A 290 -10.75 -20.42 21.74
N TRP A 291 -9.63 -19.72 21.54
CA TRP A 291 -8.92 -19.76 20.27
C TRP A 291 -8.03 -21.00 20.12
N SER A 292 -7.58 -21.59 21.23
CA SER A 292 -6.61 -22.67 21.16
C SER A 292 -7.31 -23.98 21.50
N THR A 293 -7.25 -24.45 22.73
CA THR A 293 -7.75 -25.80 23.04
C THR A 293 -9.21 -25.81 23.47
N GLY A 294 -9.81 -24.64 23.70
CA GLY A 294 -11.19 -24.58 24.12
C GLY A 294 -11.33 -23.93 25.47
N TYR A 295 -12.39 -23.17 25.65
CA TYR A 295 -12.71 -22.54 26.92
C TYR A 295 -13.68 -23.44 27.67
N SER A 296 -13.29 -23.87 28.87
CA SER A 296 -14.09 -24.78 29.67
C SER A 296 -15.06 -24.00 30.57
N HIS A 297 -16.36 -24.15 30.31
CA HIS A 297 -17.41 -23.65 31.18
C HIS A 297 -17.74 -24.61 32.32
N ASN A 298 -16.73 -25.34 32.84
CA ASN A 298 -16.96 -26.51 33.71
C ASN A 298 -17.78 -27.55 32.97
N GLY A 299 -18.98 -27.19 32.53
CA GLY A 299 -19.85 -28.08 31.78
C GLY A 299 -19.32 -28.47 30.42
N SER A 300 -19.22 -27.50 29.50
CA SER A 300 -18.86 -27.79 28.12
C SER A 300 -17.57 -27.07 27.74
N ILE A 301 -17.07 -27.41 26.56
CA ILE A 301 -15.88 -26.80 25.99
C ILE A 301 -16.32 -25.96 24.80
N GLU A 302 -15.97 -24.68 24.81
CA GLU A 302 -16.32 -23.76 23.74
C GLU A 302 -15.06 -23.38 22.97
N ARG A 303 -15.10 -23.53 21.64
CA ARG A 303 -13.92 -23.38 20.81
C ARG A 303 -14.28 -22.72 19.48
N ILE A 304 -13.33 -21.93 18.97
CA ILE A 304 -13.49 -21.32 17.66
C ILE A 304 -13.48 -22.41 16.61
N THR A 305 -14.11 -22.14 15.47
CA THR A 305 -14.06 -23.07 14.36
C THR A 305 -12.63 -23.23 13.87
N TYR A 306 -12.22 -24.47 13.65
CA TYR A 306 -10.97 -24.80 12.99
C TYR A 306 -11.25 -25.37 11.61
N THR A 307 -10.45 -24.99 10.63
CA THR A 307 -10.53 -25.66 9.35
C THR A 307 -9.96 -27.07 9.51
N PRO A 308 -10.32 -28.00 8.62
CA PRO A 308 -9.70 -29.34 8.70
C PRO A 308 -8.18 -29.28 8.60
N GLY A 309 -7.63 -28.28 7.91
CA GLY A 309 -6.20 -28.06 7.80
C GLY A 309 -5.54 -27.48 9.01
N GLY A 310 -6.31 -27.07 10.03
CA GLY A 310 -5.74 -26.62 11.27
C GLY A 310 -5.72 -25.12 11.51
N LEU A 311 -6.39 -24.34 10.67
CA LEU A 311 -6.44 -22.90 10.87
C LEU A 311 -7.58 -22.52 11.81
N ALA A 312 -7.25 -21.79 12.87
CA ALA A 312 -8.27 -21.16 13.69
C ALA A 312 -8.96 -20.07 12.87
N TRP A 313 -10.26 -20.25 12.60
CA TRP A 313 -10.96 -19.52 11.55
C TRP A 313 -12.07 -18.67 12.15
N LEU A 314 -11.88 -17.34 12.13
CA LEU A 314 -12.82 -16.44 12.79
C LEU A 314 -13.96 -16.02 11.86
N GLU A 315 -13.64 -15.58 10.64
CA GLU A 315 -14.67 -15.18 9.69
C GLU A 315 -14.08 -15.13 8.29
N GLN A 316 -14.92 -14.79 7.32
CA GLN A 316 -14.59 -14.94 5.91
CA GLN A 316 -14.57 -14.96 5.92
C GLN A 316 -13.50 -13.97 5.47
N TRP A 317 -13.55 -12.73 5.94
CA TRP A 317 -12.63 -11.70 5.49
C TRP A 317 -11.43 -11.60 6.43
N GLY A 318 -10.23 -11.62 5.84
CA GLY A 318 -9.00 -11.56 6.59
C GLY A 318 -8.85 -12.66 7.63
N SER A 319 -9.14 -13.90 7.24
CA SER A 319 -9.10 -15.01 8.20
C SER A 319 -7.70 -15.21 8.76
N LEU A 320 -6.67 -15.08 7.92
CA LEU A 320 -5.30 -15.22 8.40
C LEU A 320 -4.91 -14.04 9.29
N ARG A 321 -5.33 -12.82 8.93
CA ARG A 321 -5.11 -11.67 9.80
C ARG A 321 -5.62 -11.95 11.20
N TYR A 322 -6.83 -12.51 11.31
CA TYR A 322 -7.38 -12.79 12.63
C TYR A 322 -6.59 -13.85 13.37
N ALA A 323 -6.18 -14.93 12.66
CA ALA A 323 -5.38 -15.96 13.32
C ALA A 323 -3.99 -15.44 13.67
N SER A 324 -3.42 -14.61 12.80
CA SER A 324 -2.14 -13.97 13.13
C SER A 324 -2.29 -13.06 14.35
N ASN A 325 -3.40 -12.30 14.41
CA ASN A 325 -3.65 -11.43 15.55
C ASN A 325 -3.75 -12.22 16.84
N ALA A 326 -4.46 -13.37 16.81
CA ALA A 326 -4.58 -14.22 17.98
C ALA A 326 -3.23 -14.83 18.37
N ALA A 327 -2.44 -15.25 17.38
CA ALA A 327 -1.12 -15.81 17.66
C ALA A 327 -0.20 -14.79 18.33
N PHE A 328 -0.35 -13.51 18.00
CA PHE A 328 0.47 -12.48 18.61
C PHE A 328 0.15 -12.32 20.09
N LEU A 329 -1.14 -12.28 20.43
CA LEU A 329 -1.55 -12.26 21.82
C LEU A 329 -1.04 -13.49 22.55
N ALA A 330 -1.17 -14.65 21.92
CA ALA A 330 -0.66 -15.90 22.48
C ALA A 330 0.84 -15.82 22.72
N PHE A 331 1.60 -15.35 21.72
CA PHE A 331 3.05 -15.23 21.89
C PHE A 331 3.38 -14.32 23.07
N VAL A 332 2.71 -13.17 23.16
CA VAL A 332 3.09 -12.19 24.17
C VAL A 332 2.68 -12.68 25.55
N TYR A 333 1.50 -13.28 25.67
CA TYR A 333 1.08 -13.81 26.96
C TYR A 333 1.94 -15.00 27.37
N SER A 334 2.31 -15.88 26.43
CA SER A 334 3.12 -17.03 26.79
C SER A 334 4.56 -16.66 27.13
N ASP A 335 4.99 -15.44 26.81
CA ASP A 335 6.27 -14.94 27.28
C ASP A 335 6.19 -14.34 28.67
N TRP A 336 4.98 -14.16 29.21
CA TRP A 336 4.78 -13.57 30.52
C TRP A 336 4.29 -14.59 31.53
N VAL A 337 3.17 -15.28 31.24
CA VAL A 337 2.58 -16.18 32.21
C VAL A 337 3.47 -17.38 32.45
N ASP A 338 3.42 -17.91 33.67
CA ASP A 338 4.25 -19.02 34.12
C ASP A 338 3.54 -20.36 34.07
N THR A 339 2.26 -20.39 33.72
CA THR A 339 1.46 -21.57 33.90
C THR A 339 1.50 -22.48 32.67
N GLU A 340 0.78 -23.60 32.74
N GLU A 340 0.78 -23.60 32.75
CA GLU A 340 0.68 -24.50 31.59
CA GLU A 340 0.64 -24.51 31.62
C GLU A 340 0.09 -23.78 30.38
C GLU A 340 0.06 -23.80 30.41
N LYS A 341 -0.70 -22.72 30.61
N LYS A 341 -0.72 -22.73 30.63
CA LYS A 341 -1.26 -21.93 29.52
CA LYS A 341 -1.25 -21.93 29.53
C LYS A 341 -0.16 -21.39 28.61
C LYS A 341 -0.14 -21.46 28.60
N ALA A 342 1.02 -21.11 29.17
CA ALA A 342 2.13 -20.59 28.36
C ALA A 342 2.55 -21.59 27.28
N LYS A 343 2.62 -22.88 27.63
CA LYS A 343 3.01 -23.86 26.63
C LYS A 343 1.92 -24.02 25.57
N ARG A 344 0.67 -24.19 26.00
N ARG A 344 0.68 -24.20 26.00
CA ARG A 344 -0.42 -24.40 25.05
CA ARG A 344 -0.45 -24.38 25.09
C ARG A 344 -0.58 -23.20 24.11
C ARG A 344 -0.56 -23.21 24.11
N TYR A 345 -0.51 -21.99 24.63
CA TYR A 345 -0.64 -20.80 23.78
C TYR A 345 0.55 -20.65 22.83
N ARG A 346 1.77 -20.94 23.31
CA ARG A 346 2.92 -20.84 22.43
C ARG A 346 2.83 -21.82 21.27
N ASP A 347 2.39 -23.05 21.54
CA ASP A 347 2.23 -24.04 20.47
C ASP A 347 1.14 -23.63 19.50
N PHE A 348 0.05 -23.06 20.01
CA PHE A 348 -1.01 -22.56 19.15
C PHE A 348 -0.48 -21.49 18.20
N ALA A 349 0.31 -20.55 18.73
CA ALA A 349 0.80 -19.45 17.90
C ALA A 349 1.77 -19.94 16.85
N VAL A 350 2.68 -20.85 17.22
CA VAL A 350 3.63 -21.40 16.25
C VAL A 350 2.88 -22.14 15.14
N ARG A 351 1.91 -22.98 15.51
CA ARG A 351 1.18 -23.75 14.52
C ARG A 351 0.38 -22.86 13.58
N GLN A 352 -0.33 -21.85 14.13
CA GLN A 352 -1.05 -20.93 13.26
C GLN A 352 -0.09 -20.21 12.31
N THR A 353 1.07 -19.80 12.82
CA THR A 353 2.04 -19.12 11.96
C THR A 353 2.59 -20.07 10.91
N GLU A 354 2.87 -21.33 11.27
CA GLU A 354 3.32 -22.28 10.27
C GLU A 354 2.26 -22.56 9.22
N TYR A 355 0.98 -22.52 9.58
CA TYR A 355 -0.07 -22.70 8.58
C TYR A 355 0.03 -21.64 7.48
N MET A 356 0.03 -20.36 7.86
CA MET A 356 0.00 -19.31 6.85
C MET A 356 1.33 -19.21 6.11
N LEU A 357 2.40 -19.78 6.63
CA LEU A 357 3.68 -19.76 5.93
C LEU A 357 3.85 -20.95 4.99
N GLY A 358 2.90 -21.88 4.96
CA GLY A 358 2.96 -22.95 3.98
C GLY A 358 2.41 -24.30 4.41
N ASP A 359 2.32 -24.54 5.72
CA ASP A 359 1.91 -25.86 6.23
C ASP A 359 0.38 -25.91 6.26
N ASN A 360 -0.20 -26.20 5.10
CA ASN A 360 -1.65 -26.08 4.94
C ASN A 360 -2.08 -26.96 3.77
N PRO A 361 -3.39 -27.20 3.61
CA PRO A 361 -3.83 -28.09 2.52
C PRO A 361 -3.55 -27.54 1.12
N GLN A 362 -3.41 -26.23 0.95
CA GLN A 362 -3.02 -25.69 -0.35
C GLN A 362 -1.54 -25.87 -0.65
N GLN A 363 -0.75 -26.32 0.33
CA GLN A 363 0.70 -26.45 0.23
C GLN A 363 1.33 -25.21 -0.37
N ARG A 364 1.02 -24.05 0.20
CA ARG A 364 1.57 -22.81 -0.34
C ARG A 364 1.67 -21.76 0.75
N SER A 365 2.69 -20.92 0.62
CA SER A 365 2.76 -19.73 1.44
C SER A 365 1.60 -18.80 1.09
N PHE A 366 1.08 -18.10 2.10
CA PHE A 366 0.11 -17.03 1.86
C PHE A 366 0.74 -15.65 1.97
N VAL A 367 2.06 -15.57 1.93
CA VAL A 367 2.79 -14.32 1.96
C VAL A 367 3.33 -14.05 0.57
N VAL A 368 2.86 -12.96 -0.05
CA VAL A 368 3.31 -12.60 -1.39
C VAL A 368 4.83 -12.56 -1.44
N GLY A 369 5.42 -13.20 -2.45
CA GLY A 369 6.85 -13.16 -2.67
C GLY A 369 7.69 -13.97 -1.72
N TYR A 370 7.09 -14.82 -0.89
CA TYR A 370 7.83 -15.63 0.07
C TYR A 370 7.36 -17.07 0.00
N GLY A 371 8.32 -18.01 0.11
CA GLY A 371 7.98 -19.40 0.33
C GLY A 371 7.55 -20.16 -0.93
N LYS A 372 6.78 -21.21 -0.71
CA LYS A 372 6.35 -22.11 -1.77
C LYS A 372 5.07 -21.57 -2.40
N ASN A 373 5.08 -21.44 -3.73
CA ASN A 373 3.94 -21.06 -4.55
C ASN A 373 3.10 -19.94 -3.92
N PRO A 374 3.70 -18.79 -3.60
CA PRO A 374 2.96 -17.73 -2.90
C PRO A 374 1.90 -17.10 -3.79
N PRO A 375 0.99 -16.31 -3.22
CA PRO A 375 -0.05 -15.67 -4.04
C PRO A 375 0.55 -14.74 -5.09
N LYS A 376 0.08 -14.89 -6.33
CA LYS A 376 0.57 -14.11 -7.45
C LYS A 376 -0.31 -12.92 -7.80
N HIS A 377 -1.59 -12.93 -7.41
CA HIS A 377 -2.54 -11.89 -7.78
C HIS A 377 -3.16 -11.23 -6.56
N PRO A 378 -2.35 -10.62 -5.68
CA PRO A 378 -2.97 -9.89 -4.57
C PRO A 378 -3.80 -8.73 -5.09
N HIS A 379 -4.88 -8.45 -4.38
CA HIS A 379 -5.82 -7.38 -4.70
C HIS A 379 -5.18 -6.04 -4.34
N HIS A 380 -4.36 -5.53 -5.26
CA HIS A 380 -3.52 -4.36 -5.02
C HIS A 380 -3.34 -3.58 -6.32
N ARG A 381 -3.77 -2.32 -6.33
CA ARG A 381 -3.81 -1.55 -7.58
C ARG A 381 -2.41 -1.28 -8.14
N THR A 382 -1.49 -0.79 -7.30
CA THR A 382 -0.20 -0.33 -7.83
C THR A 382 0.72 -1.51 -8.16
N ALA A 383 0.67 -2.59 -7.37
CA ALA A 383 1.46 -3.77 -7.70
C ALA A 383 0.96 -4.44 -8.97
N HIS A 384 -0.35 -4.40 -9.22
CA HIS A 384 -0.89 -4.91 -10.47
C HIS A 384 -0.41 -4.06 -11.65
N GLY A 385 -0.64 -2.75 -11.57
CA GLY A 385 -0.11 -1.83 -12.56
C GLY A 385 -0.93 -1.75 -13.83
N SER A 386 -2.24 -1.63 -13.68
CA SER A 386 -3.10 -1.50 -14.86
C SER A 386 -3.01 -0.10 -15.46
N TRP A 387 -2.98 -0.04 -16.78
CA TRP A 387 -3.05 1.21 -17.52
C TRP A 387 -4.43 1.42 -18.14
N ALA A 388 -5.34 0.46 -17.97
CA ALA A 388 -6.60 0.44 -18.69
C ALA A 388 -7.81 0.50 -17.76
N ASN A 389 -7.60 0.81 -16.48
CA ASN A 389 -8.68 0.85 -15.50
C ASN A 389 -9.46 -0.45 -15.50
N GLN A 390 -8.73 -1.56 -15.50
CA GLN A 390 -9.29 -2.91 -15.59
C GLN A 390 -8.44 -3.85 -14.75
N MET A 391 -9.11 -4.65 -13.91
CA MET A 391 -8.38 -5.57 -13.03
C MET A 391 -7.74 -6.72 -13.79
N ASN A 392 -8.14 -7.00 -15.02
CA ASN A 392 -7.58 -8.10 -15.79
C ASN A 392 -6.62 -7.64 -16.87
N VAL A 393 -6.23 -6.37 -16.86
CA VAL A 393 -5.28 -5.82 -17.83
C VAL A 393 -4.20 -5.10 -17.04
N PRO A 394 -2.97 -5.62 -16.96
CA PRO A 394 -2.45 -6.87 -17.54
C PRO A 394 -2.93 -8.13 -16.82
N GLU A 395 -2.78 -9.28 -17.47
CA GLU A 395 -3.23 -10.54 -16.91
C GLU A 395 -2.38 -10.99 -15.73
N ASN A 396 -1.21 -10.40 -15.55
CA ASN A 396 -0.36 -10.71 -14.40
C ASN A 396 0.19 -9.41 -13.84
N HIS A 397 0.56 -9.45 -12.55
CA HIS A 397 1.04 -8.26 -11.86
C HIS A 397 2.38 -7.79 -12.41
N ARG A 398 2.51 -6.48 -12.58
CA ARG A 398 3.79 -5.92 -13.01
C ARG A 398 4.84 -6.01 -11.92
N HIS A 399 4.43 -5.94 -10.65
CA HIS A 399 5.36 -5.82 -9.54
C HIS A 399 5.01 -6.86 -8.48
N THR A 400 6.04 -7.27 -7.75
CA THR A 400 5.86 -8.24 -6.66
C THR A 400 5.66 -7.48 -5.35
N LEU A 401 4.51 -7.70 -4.71
CA LEU A 401 4.18 -7.02 -3.46
C LEU A 401 4.75 -7.82 -2.28
N TYR A 402 6.10 -7.85 -2.21
CA TYR A 402 6.79 -8.68 -1.23
C TYR A 402 6.24 -8.44 0.17
N GLY A 403 5.99 -9.53 0.90
CA GLY A 403 5.67 -9.47 2.30
C GLY A 403 4.19 -9.43 2.66
N ALA A 404 3.30 -9.23 1.69
CA ALA A 404 1.89 -9.02 2.00
C ALA A 404 1.25 -10.34 2.42
N LEU A 405 0.65 -10.37 3.61
CA LEU A 405 -0.18 -11.50 4.02
C LEU A 405 -1.58 -11.31 3.44
N VAL A 406 -2.02 -12.25 2.57
CA VAL A 406 -3.34 -12.13 1.95
C VAL A 406 -4.44 -12.60 2.90
N GLY A 407 -5.71 -12.40 2.50
CA GLY A 407 -6.83 -12.79 3.34
C GLY A 407 -6.81 -14.26 3.71
N GLY A 408 -6.56 -15.13 2.75
CA GLY A 408 -6.39 -16.54 3.02
C GLY A 408 -7.64 -17.37 2.76
N PRO A 409 -7.69 -18.56 3.35
CA PRO A 409 -8.70 -19.54 2.96
C PRO A 409 -10.03 -19.34 3.68
N GLY A 410 -11.04 -20.04 3.15
CA GLY A 410 -12.32 -20.15 3.83
C GLY A 410 -12.29 -21.24 4.89
N ARG A 411 -13.46 -21.47 5.50
CA ARG A 411 -13.53 -22.40 6.62
C ARG A 411 -13.22 -23.83 6.21
N ASP A 412 -13.20 -24.14 4.92
CA ASP A 412 -12.84 -25.46 4.43
C ASP A 412 -11.46 -25.48 3.77
N ASP A 413 -10.59 -24.53 4.13
CA ASP A 413 -9.25 -24.36 3.57
C ASP A 413 -9.27 -23.99 2.08
N SER A 414 -10.44 -23.76 1.49
CA SER A 414 -10.50 -23.40 0.08
C SER A 414 -9.90 -22.02 -0.13
N TYR A 415 -9.26 -21.82 -1.29
CA TYR A 415 -8.56 -20.58 -1.58
C TYR A 415 -8.36 -20.50 -3.09
N ARG A 416 -8.47 -19.29 -3.62
CA ARG A 416 -8.27 -19.04 -5.04
C ARG A 416 -7.36 -17.84 -5.21
N ASP A 417 -6.26 -18.03 -5.92
CA ASP A 417 -5.29 -16.95 -6.19
C ASP A 417 -5.78 -16.15 -7.39
N ASP A 418 -6.71 -15.23 -7.13
CA ASP A 418 -7.39 -14.48 -8.17
C ASP A 418 -7.53 -13.03 -7.72
N ILE A 419 -7.23 -12.09 -8.62
CA ILE A 419 -7.19 -10.68 -8.25
C ILE A 419 -8.58 -10.19 -7.84
N THR A 420 -9.64 -10.79 -8.41
CA THR A 420 -11.00 -10.44 -8.09
C THR A 420 -11.54 -11.15 -6.85
N ASP A 421 -10.85 -12.19 -6.37
CA ASP A 421 -11.30 -12.93 -5.19
C ASP A 421 -10.84 -12.16 -3.96
N TYR A 422 -11.72 -11.29 -3.47
CA TYR A 422 -11.36 -10.35 -2.41
C TYR A 422 -11.06 -11.07 -1.11
N ALA A 423 -11.94 -12.00 -0.74
CA ALA A 423 -11.76 -12.73 0.52
C ALA A 423 -10.45 -13.51 0.53
N SER A 424 -10.04 -14.05 -0.63
CA SER A 424 -8.79 -14.79 -0.70
C SER A 424 -7.56 -13.88 -0.72
N ASN A 425 -7.60 -12.78 -1.49
CA ASN A 425 -6.40 -12.07 -1.90
C ASN A 425 -6.39 -10.60 -1.50
N GLU A 426 -7.23 -10.18 -0.57
CA GLU A 426 -7.11 -8.83 -0.03
C GLU A 426 -5.82 -8.72 0.77
N VAL A 427 -5.20 -7.53 0.70
CA VAL A 427 -4.02 -7.22 1.51
C VAL A 427 -4.27 -5.90 2.21
N ALA A 428 -3.64 -5.70 3.37
CA ALA A 428 -3.96 -4.53 4.16
C ALA A 428 -2.91 -4.31 5.22
N ILE A 429 -2.71 -3.05 5.61
CA ILE A 429 -1.71 -2.75 6.63
C ILE A 429 -2.07 -3.42 7.95
N ASP A 430 -3.36 -3.48 8.30
CA ASP A 430 -3.73 -4.16 9.53
C ASP A 430 -3.50 -5.66 9.42
N TYR A 431 -3.56 -6.23 8.20
CA TYR A 431 -3.28 -7.66 8.04
C TYR A 431 -1.84 -7.99 8.45
N ASN A 432 -0.89 -7.13 8.11
CA ASN A 432 0.52 -7.41 8.35
C ASN A 432 1.02 -6.92 9.70
N ALA A 433 0.20 -6.23 10.48
CA ALA A 433 0.74 -5.56 11.65
C ALA A 433 1.16 -6.58 12.71
N ALA A 434 0.21 -7.32 13.27
CA ALA A 434 0.58 -8.37 14.23
C ALA A 434 1.45 -9.42 13.57
N PHE A 435 1.16 -9.76 12.32
CA PHE A 435 1.91 -10.79 11.61
C PHE A 435 3.40 -10.46 11.61
N THR A 436 3.74 -9.18 11.43
CA THR A 436 5.16 -8.78 11.43
C THR A 436 5.80 -9.11 12.76
N GLY A 437 5.09 -8.89 13.87
CA GLY A 437 5.61 -9.24 15.17
C GLY A 437 5.81 -10.73 15.36
N ASN A 438 4.84 -11.54 14.88
CA ASN A 438 4.96 -12.99 14.93
C ASN A 438 6.19 -13.48 14.17
N VAL A 439 6.49 -12.87 13.01
CA VAL A 439 7.70 -13.22 12.28
C VAL A 439 8.93 -12.92 13.11
N ALA A 440 8.95 -11.75 13.78
CA ALA A 440 10.03 -11.43 14.70
C ALA A 440 10.19 -12.53 15.74
N LYS A 441 9.08 -12.97 16.32
CA LYS A 441 9.12 -14.05 17.30
C LYS A 441 9.62 -15.35 16.68
N MET A 442 9.14 -15.70 15.47
CA MET A 442 9.64 -16.88 14.80
C MET A 442 11.14 -16.80 14.56
N PHE A 443 11.66 -15.60 14.26
CA PHE A 443 13.12 -15.46 14.15
C PHE A 443 13.78 -15.70 15.51
N GLN A 444 13.21 -15.14 16.57
CA GLN A 444 13.75 -15.37 17.91
C GLN A 444 13.76 -16.87 18.23
N LEU A 445 12.69 -17.58 17.88
CA LEU A 445 12.57 -19.00 18.23
C LEU A 445 13.40 -19.89 17.31
N PHE A 446 13.28 -19.69 16.00
CA PHE A 446 13.77 -20.65 15.02
C PHE A 446 14.75 -20.04 14.02
N GLY A 447 15.13 -18.78 14.18
CA GLY A 447 15.84 -18.09 13.12
C GLY A 447 17.34 -18.00 13.31
N LYS A 448 17.90 -18.86 14.15
CA LYS A 448 19.34 -18.83 14.39
C LYS A 448 20.10 -19.01 13.08
N GLY A 449 21.04 -18.09 12.82
CA GLY A 449 21.83 -18.15 11.61
C GLY A 449 21.13 -17.69 10.36
N HIS A 450 19.86 -17.30 10.44
CA HIS A 450 19.17 -16.73 9.28
C HIS A 450 19.64 -15.30 9.06
N VAL A 451 19.96 -14.97 7.81
CA VAL A 451 20.39 -13.62 7.45
C VAL A 451 19.43 -13.08 6.39
N PRO A 452 19.20 -11.76 6.31
CA PRO A 452 18.33 -11.21 5.27
C PRO A 452 18.96 -11.23 3.88
N LEU A 453 18.20 -10.77 2.87
CA LEU A 453 18.72 -10.73 1.50
C LEU A 453 19.45 -9.41 1.24
N PRO A 454 20.70 -9.45 0.78
CA PRO A 454 21.45 -8.21 0.56
C PRO A 454 20.94 -7.46 -0.66
N ASP A 455 20.88 -6.13 -0.54
CA ASP A 455 20.49 -5.24 -1.63
C ASP A 455 19.20 -5.70 -2.31
N PHE A 456 18.21 -6.01 -1.50
CA PHE A 456 16.95 -6.57 -1.94
C PHE A 456 15.83 -5.56 -1.82
N PRO A 457 14.92 -5.49 -2.81
CA PRO A 457 14.89 -6.27 -4.06
C PRO A 457 15.75 -5.68 -5.19
N GLU A 458 16.12 -6.52 -6.15
CA GLU A 458 16.78 -6.03 -7.36
C GLU A 458 15.80 -5.19 -8.17
N LYS A 459 16.30 -4.08 -8.74
CA LYS A 459 15.48 -3.27 -9.62
C LYS A 459 15.14 -4.06 -10.88
N GLU A 460 13.86 -4.02 -11.27
CA GLU A 460 13.40 -4.73 -12.46
C GLU A 460 13.53 -3.86 -13.69
N THR A 461 13.87 -4.48 -14.81
CA THR A 461 13.94 -3.77 -16.08
C THR A 461 12.53 -3.39 -16.48
N PRO A 462 12.22 -2.10 -16.69
CA PRO A 462 10.85 -1.72 -17.05
C PRO A 462 10.46 -2.33 -18.38
N GLU A 463 9.15 -2.52 -18.56
CA GLU A 463 8.62 -2.75 -19.88
C GLU A 463 8.52 -1.41 -20.61
N ASP A 464 8.10 -1.45 -21.88
CA ASP A 464 7.90 -0.21 -22.62
C ASP A 464 6.78 0.60 -21.97
N GLU A 465 7.14 1.83 -21.56
CA GLU A 465 6.24 2.65 -20.76
C GLU A 465 5.60 3.77 -21.54
N TYR A 466 6.34 4.37 -22.47
CA TYR A 466 5.85 5.43 -23.32
C TYR A 466 6.18 4.99 -24.74
N PHE A 467 5.21 5.07 -25.64
CA PHE A 467 5.49 4.65 -27.00
C PHE A 467 4.34 5.06 -27.90
N ALA A 468 4.64 5.19 -29.19
CA ALA A 468 3.64 5.40 -30.22
C ALA A 468 3.31 4.09 -30.90
N GLU A 469 2.02 3.83 -31.07
CA GLU A 469 1.55 2.83 -32.03
C GLU A 469 1.11 3.59 -33.27
N ALA A 470 1.63 3.18 -34.43
CA ALA A 470 1.39 3.92 -35.65
C ALA A 470 1.01 2.97 -36.77
N SER A 471 0.30 3.52 -37.76
CA SER A 471 -0.06 2.77 -38.95
C SER A 471 -0.14 3.73 -40.13
N ILE A 472 -0.05 3.17 -41.33
CA ILE A 472 -0.11 3.94 -42.57
C ILE A 472 -1.57 4.04 -42.98
N ASN A 473 -2.12 5.25 -42.97
CA ASN A 473 -3.44 5.46 -43.58
C ASN A 473 -3.37 5.21 -45.08
N SER A 474 -2.52 5.95 -45.77
CA SER A 474 -2.21 5.70 -47.18
C SER A 474 -0.88 6.36 -47.48
N SER A 475 -0.35 6.05 -48.67
CA SER A 475 0.92 6.59 -49.11
C SER A 475 0.92 6.57 -50.64
N GLY A 476 1.31 7.69 -51.26
CA GLY A 476 1.33 7.79 -52.70
C GLY A 476 2.63 8.36 -53.24
N ASN A 477 2.67 8.73 -54.51
CA ASN A 477 3.91 9.30 -55.02
C ASN A 477 4.09 10.76 -54.64
N SER A 478 3.26 11.30 -53.74
CA SER A 478 3.48 12.66 -53.27
C SER A 478 3.12 12.88 -51.80
N TYR A 479 2.87 11.83 -51.01
CA TYR A 479 2.48 12.02 -49.61
C TYR A 479 2.61 10.71 -48.83
N THR A 480 2.66 10.86 -47.51
CA THR A 480 2.46 9.76 -46.59
C THR A 480 1.55 10.28 -45.49
N GLU A 481 0.47 9.55 -45.22
CA GLU A 481 -0.46 9.91 -44.14
C GLU A 481 -0.40 8.84 -43.07
N ILE A 482 -0.13 9.26 -41.83
CA ILE A 482 0.13 8.38 -40.71
C ILE A 482 -0.97 8.54 -39.67
N ARG A 483 -1.35 7.43 -39.04
CA ARG A 483 -2.19 7.42 -37.84
C ARG A 483 -1.35 6.98 -36.65
N ALA A 484 -1.34 7.78 -35.58
CA ALA A 484 -0.53 7.44 -34.42
C ALA A 484 -1.35 7.57 -33.14
N GLN A 485 -1.11 6.66 -32.21
CA GLN A 485 -1.64 6.75 -30.85
C GLN A 485 -0.46 6.72 -29.89
N LEU A 486 -0.30 7.81 -29.15
CA LEU A 486 0.82 7.97 -28.22
C LEU A 486 0.40 7.42 -26.86
N ASN A 487 1.18 6.48 -26.33
CA ASN A 487 0.80 5.73 -25.14
C ASN A 487 1.65 6.13 -23.95
N ASN A 488 1.01 6.19 -22.78
CA ASN A 488 1.70 6.25 -21.48
C ASN A 488 1.20 5.07 -20.67
N ARG A 489 1.95 3.98 -20.66
CA ARG A 489 1.64 2.80 -19.86
C ARG A 489 2.68 2.61 -18.75
N SER A 490 3.15 3.71 -18.17
CA SER A 490 4.25 3.65 -17.22
C SER A 490 3.87 2.80 -16.00
N GLY A 491 4.89 2.21 -15.39
CA GLY A 491 4.68 1.37 -14.23
C GLY A 491 5.90 1.26 -13.34
N TRP A 492 7.03 1.86 -13.75
CA TRP A 492 8.31 1.67 -13.06
C TRP A 492 9.01 3.00 -12.75
N PRO A 493 8.35 3.92 -12.01
CA PRO A 493 6.98 3.86 -11.50
C PRO A 493 6.02 4.44 -12.50
N ALA A 494 4.72 4.18 -12.34
CA ALA A 494 3.72 4.91 -13.09
C ALA A 494 3.90 6.42 -12.88
N LYS A 495 3.55 7.20 -13.90
CA LYS A 495 3.78 8.64 -13.85
C LYS A 495 2.80 9.36 -14.76
N LYS A 496 2.22 10.44 -14.25
CA LYS A 496 1.44 11.36 -15.07
C LYS A 496 2.35 12.15 -15.99
N THR A 497 1.98 12.27 -17.26
CA THR A 497 2.73 13.05 -18.23
C THR A 497 1.80 13.99 -18.99
N ASP A 498 2.15 15.28 -19.02
CA ASP A 498 1.41 16.26 -19.80
C ASP A 498 2.30 17.01 -20.78
N GLN A 499 3.50 16.51 -21.04
CA GLN A 499 4.41 17.13 -21.99
C GLN A 499 5.03 16.08 -22.90
N LEU A 500 4.24 15.07 -23.27
CA LEU A 500 4.68 14.04 -24.21
C LEU A 500 4.66 14.55 -25.64
N SER A 501 5.63 14.09 -26.43
CA SER A 501 5.69 14.39 -27.83
C SER A 501 6.39 13.23 -28.53
N PHE A 502 6.29 13.20 -29.85
CA PHE A 502 7.09 12.27 -30.64
C PHE A 502 7.57 12.96 -31.90
N ARG A 503 8.50 12.32 -32.59
CA ARG A 503 9.06 12.83 -33.83
C ARG A 503 8.97 11.73 -34.88
N TYR A 504 8.56 12.12 -36.08
CA TYR A 504 8.47 11.22 -37.22
C TYR A 504 9.51 11.68 -38.23
N TYR A 505 10.48 10.81 -38.53
CA TYR A 505 11.63 11.17 -39.33
C TYR A 505 11.48 10.67 -40.76
N VAL A 506 11.85 11.52 -41.71
CA VAL A 506 11.86 11.20 -43.13
C VAL A 506 13.26 11.48 -43.70
N ASP A 507 13.51 10.90 -44.87
CA ASP A 507 14.71 11.14 -45.65
C ASP A 507 14.28 11.89 -46.91
N LEU A 508 14.88 13.07 -47.14
CA LEU A 508 14.49 13.88 -48.28
C LEU A 508 15.49 13.82 -49.44
N THR A 509 16.39 12.84 -49.43
CA THR A 509 17.34 12.73 -50.53
C THR A 509 16.64 12.72 -51.88
N GLU A 510 15.58 11.93 -52.01
CA GLU A 510 14.88 11.84 -53.29
C GLU A 510 14.24 13.18 -53.65
N ALA A 511 13.87 13.99 -52.66
CA ALA A 511 13.33 15.32 -52.94
C ALA A 511 14.41 16.26 -53.47
N VAL A 512 15.58 16.27 -52.82
CA VAL A 512 16.68 17.12 -53.27
C VAL A 512 17.12 16.73 -54.67
N GLU A 513 17.17 15.42 -54.95
CA GLU A 513 17.54 14.96 -56.28
C GLU A 513 16.55 15.42 -57.35
N ALA A 514 15.27 15.57 -56.99
CA ALA A 514 14.28 16.06 -57.93
C ALA A 514 14.21 17.58 -58.01
N GLY A 515 15.07 18.29 -57.29
CA GLY A 515 15.04 19.75 -57.29
C GLY A 515 14.17 20.36 -56.23
N TYR A 516 13.82 19.62 -55.18
CA TYR A 516 12.96 20.13 -54.12
C TYR A 516 13.72 20.10 -52.80
N SER A 517 13.10 20.66 -51.78
CA SER A 517 13.71 20.74 -50.46
C SER A 517 12.61 20.60 -49.42
N ALA A 518 13.01 20.61 -48.15
CA ALA A 518 12.03 20.52 -47.06
C ALA A 518 10.99 21.62 -47.13
N GLU A 519 11.34 22.77 -47.71
CA GLU A 519 10.37 23.87 -47.83
C GLU A 519 9.15 23.46 -48.64
N ASP A 520 9.29 22.48 -49.52
CA ASP A 520 8.21 22.03 -50.39
C ASP A 520 7.36 20.91 -49.78
N ILE A 521 7.64 20.49 -48.56
CA ILE A 521 6.87 19.44 -47.90
C ILE A 521 6.00 20.11 -46.84
N LYS A 522 4.69 19.88 -46.92
CA LYS A 522 3.73 20.44 -45.98
C LYS A 522 3.30 19.35 -44.99
N VAL A 523 3.39 19.65 -43.70
CA VAL A 523 2.97 18.72 -42.67
C VAL A 523 1.71 19.28 -42.02
N THR A 524 0.64 18.47 -42.03
CA THR A 524 -0.71 18.92 -41.69
C THR A 524 -1.42 17.86 -40.87
N ALA A 525 -2.12 18.31 -39.83
CA ALA A 525 -2.86 17.42 -38.94
C ALA A 525 -4.28 17.23 -39.45
N GLY A 526 -4.76 15.98 -39.36
CA GLY A 526 -6.14 15.65 -39.63
C GLY A 526 -6.88 15.45 -38.33
N TYR A 527 -7.51 14.28 -38.16
CA TYR A 527 -8.10 13.93 -36.87
C TYR A 527 -7.06 14.05 -35.77
N ASN A 528 -7.45 14.71 -34.68
CA ASN A 528 -6.48 15.17 -33.70
C ASN A 528 -7.12 15.25 -32.33
N GLU A 529 -6.45 14.67 -31.33
CA GLU A 529 -6.93 14.79 -29.95
C GLU A 529 -6.07 15.75 -29.13
N GLY A 530 -5.81 16.93 -29.66
CA GLY A 530 -5.11 17.96 -28.94
C GLY A 530 -3.64 18.10 -29.23
N ALA A 531 -3.15 17.57 -30.34
CA ALA A 531 -1.75 17.64 -30.67
C ALA A 531 -1.46 18.82 -31.58
N SER A 532 -0.23 19.32 -31.52
CA SER A 532 0.29 20.28 -32.48
C SER A 532 1.33 19.57 -33.32
N VAL A 533 1.24 19.77 -34.63
CA VAL A 533 2.09 19.08 -35.60
C VAL A 533 2.95 20.12 -36.29
N SER A 534 4.27 19.96 -36.21
CA SER A 534 5.18 20.97 -36.74
C SER A 534 5.51 20.68 -38.20
N GLU A 535 5.91 21.74 -38.89
CA GLU A 535 6.57 21.59 -40.17
C GLU A 535 7.91 20.90 -39.98
N LEU A 536 8.51 20.46 -41.08
CA LEU A 536 9.74 19.70 -41.01
C LEU A 536 10.88 20.52 -40.43
N LYS A 537 11.65 19.90 -39.53
CA LYS A 537 12.86 20.45 -38.98
C LYS A 537 14.02 19.54 -39.33
N PRO A 538 15.22 20.09 -39.54
CA PRO A 538 16.36 19.23 -39.88
C PRO A 538 16.84 18.41 -38.69
N HIS A 539 17.18 17.17 -38.97
CA HIS A 539 17.87 16.31 -38.01
C HIS A 539 19.33 16.11 -38.35
N ASP A 540 19.61 15.92 -39.64
CA ASP A 540 20.97 15.71 -40.14
C ASP A 540 20.96 16.29 -41.56
N ALA A 541 21.43 17.53 -41.68
CA ALA A 541 21.28 18.25 -42.94
C ALA A 541 22.14 17.63 -44.05
N SER A 542 23.30 17.08 -43.69
CA SER A 542 24.18 16.53 -44.71
C SER A 542 23.55 15.32 -45.39
N LYS A 543 22.65 14.63 -44.68
CA LYS A 543 21.98 13.45 -45.20
C LYS A 543 20.49 13.70 -45.48
N HIS A 544 20.06 14.96 -45.43
CA HIS A 544 18.70 15.34 -45.78
C HIS A 544 17.66 14.65 -44.91
N ILE A 545 18.00 14.46 -43.62
CA ILE A 545 17.09 13.84 -42.67
C ILE A 545 16.35 14.94 -41.93
N TYR A 546 15.02 14.83 -41.91
CA TYR A 546 14.14 15.79 -41.28
C TYR A 546 13.12 15.03 -40.44
N TYR A 547 12.43 15.76 -39.58
CA TYR A 547 11.38 15.19 -38.74
C TYR A 547 10.28 16.22 -38.54
N THR A 548 9.07 15.71 -38.30
CA THR A 548 8.00 16.53 -37.76
C THR A 548 7.88 16.23 -36.26
N GLU A 549 7.72 17.29 -35.48
CA GLU A 549 7.54 17.16 -34.04
C GLU A 549 6.04 17.20 -33.76
N VAL A 550 5.55 16.14 -33.12
CA VAL A 550 4.13 16.02 -32.77
C VAL A 550 4.03 16.10 -31.27
N SER A 551 3.39 17.16 -30.77
CA SER A 551 3.43 17.52 -29.36
C SER A 551 2.02 17.53 -28.79
N PHE A 552 1.85 16.86 -27.64
CA PHE A 552 0.59 16.91 -26.90
C PHE A 552 0.77 17.75 -25.65
N SER A 553 1.36 18.93 -25.80
CA SER A 553 1.71 19.77 -24.66
C SER A 553 0.46 20.22 -23.92
N GLY A 554 0.46 20.01 -22.61
CA GLY A 554 -0.69 20.33 -21.78
C GLY A 554 -1.79 19.28 -21.75
N VAL A 555 -1.67 18.18 -22.50
CA VAL A 555 -2.67 17.12 -22.50
C VAL A 555 -2.22 16.03 -21.54
N LEU A 556 -3.02 15.77 -20.52
CA LEU A 556 -2.69 14.78 -19.51
C LEU A 556 -2.92 13.39 -20.09
N ILE A 557 -1.86 12.59 -20.10
CA ILE A 557 -1.92 11.19 -20.50
C ILE A 557 -1.30 10.38 -19.38
N TYR A 558 -1.95 9.28 -19.01
CA TYR A 558 -1.49 8.55 -17.83
C TYR A 558 -2.08 7.15 -17.86
N PRO A 559 -1.43 6.17 -17.21
CA PRO A 559 -1.95 4.80 -17.17
C PRO A 559 -3.12 4.67 -16.20
N GLY A 560 -4.27 5.20 -16.60
CA GLY A 560 -5.43 5.17 -15.75
C GLY A 560 -6.74 4.93 -16.46
N GLY A 561 -6.72 4.32 -17.64
CA GLY A 561 -7.96 4.00 -18.33
C GLY A 561 -7.75 3.79 -19.81
N GLN A 562 -8.79 3.24 -20.44
CA GLN A 562 -8.72 2.93 -21.87
C GLN A 562 -8.50 4.19 -22.70
N SER A 563 -9.16 5.28 -22.34
CA SER A 563 -8.94 6.56 -23.01
C SER A 563 -7.82 7.39 -22.38
N ALA A 564 -7.58 7.23 -21.08
CA ALA A 564 -6.61 8.07 -20.40
C ALA A 564 -5.18 7.80 -20.85
N HIS A 565 -4.86 6.56 -21.24
CA HIS A 565 -3.48 6.18 -21.45
C HIS A 565 -2.97 6.44 -22.85
N LYS A 566 -3.82 6.95 -23.76
CA LYS A 566 -3.39 7.19 -25.13
C LYS A 566 -4.13 8.40 -25.71
N LYS A 567 -3.47 9.07 -26.66
CA LYS A 567 -4.11 10.13 -27.43
C LYS A 567 -3.73 9.95 -28.90
N GLU A 568 -4.66 10.22 -29.79
CA GLU A 568 -4.50 9.92 -31.21
C GLU A 568 -4.29 11.21 -32.00
N VAL A 569 -3.41 11.14 -32.99
CA VAL A 569 -3.27 12.18 -33.99
C VAL A 569 -3.02 11.51 -35.34
N GLN A 570 -3.67 12.02 -36.38
CA GLN A 570 -3.40 11.61 -37.74
C GLN A 570 -2.83 12.80 -38.50
N PHE A 571 -1.76 12.56 -39.26
CA PHE A 571 -1.04 13.66 -39.90
C PHE A 571 -0.52 13.19 -41.25
N ARG A 572 -0.41 14.15 -42.17
CA ARG A 572 0.06 13.86 -43.53
C ARG A 572 1.26 14.74 -43.85
N LEU A 573 2.26 14.14 -44.48
CA LEU A 573 3.41 14.85 -45.03
C LEU A 573 3.25 14.87 -46.55
N SER A 574 3.12 16.07 -47.12
CA SER A 574 2.76 16.21 -48.54
C SER A 574 3.80 17.01 -49.30
N ALA A 575 4.33 16.42 -50.37
CA ALA A 575 5.00 17.14 -51.43
C ALA A 575 3.93 17.85 -52.26
N PRO A 576 4.31 18.80 -53.12
CA PRO A 576 3.29 19.51 -53.91
C PRO A 576 2.47 18.55 -54.75
N ASP A 577 1.19 18.87 -54.89
CA ASP A 577 0.31 18.02 -55.70
C ASP A 577 0.84 17.95 -57.13
N GLY A 578 0.80 16.75 -57.70
CA GLY A 578 1.31 16.51 -59.03
C GLY A 578 2.78 16.13 -59.10
N THR A 579 3.53 16.33 -58.02
CA THR A 579 4.89 15.82 -58.04
C THR A 579 4.87 14.31 -57.83
N SER A 580 5.97 13.66 -58.19
CA SER A 580 6.02 12.22 -58.12
C SER A 580 7.33 11.70 -57.54
N PHE A 581 8.04 12.51 -56.75
CA PHE A 581 9.33 12.05 -56.25
C PHE A 581 9.25 11.41 -54.88
N TRP A 582 8.19 11.69 -54.10
CA TRP A 582 8.14 11.30 -52.69
C TRP A 582 8.33 9.80 -52.51
N ASN A 583 9.24 9.42 -51.61
CA ASN A 583 9.58 8.02 -51.35
C ASN A 583 9.63 7.73 -49.86
N PRO A 584 8.61 7.08 -49.29
CA PRO A 584 8.63 6.80 -47.85
C PRO A 584 9.57 5.66 -47.47
N GLU A 585 9.96 4.81 -48.43
CA GLU A 585 10.67 3.59 -48.10
C GLU A 585 12.04 3.85 -47.49
N ASN A 586 12.65 5.00 -47.74
CA ASN A 586 13.90 5.35 -47.07
C ASN A 586 13.69 6.24 -45.85
N ASP A 587 12.45 6.43 -45.40
CA ASP A 587 12.17 7.27 -44.25
C ASP A 587 12.31 6.45 -42.96
N HIS A 588 13.10 6.99 -42.03
CA HIS A 588 13.41 6.30 -40.77
C HIS A 588 12.16 5.81 -40.05
N SER A 589 11.17 6.67 -39.86
CA SER A 589 10.01 6.33 -39.04
C SER A 589 8.93 5.57 -39.79
N TYR A 590 9.12 5.37 -41.10
CA TYR A 590 8.22 4.56 -41.91
C TYR A 590 8.53 3.09 -41.82
N GLN A 591 9.71 2.74 -41.31
CA GLN A 591 10.19 1.37 -41.35
C GLN A 591 9.32 0.43 -40.53
N GLY A 592 8.97 -0.72 -41.12
CA GLY A 592 8.16 -1.73 -40.48
C GLY A 592 6.70 -1.37 -40.30
N LEU A 593 6.28 -0.14 -40.62
CA LEU A 593 4.88 0.22 -40.48
C LEU A 593 4.01 -0.54 -41.47
N SER A 594 2.80 -0.86 -41.04
CA SER A 594 1.80 -1.49 -41.90
C SER A 594 0.53 -0.65 -41.79
N HIS A 595 -0.59 -1.23 -42.20
CA HIS A 595 -1.88 -0.55 -42.10
C HIS A 595 -2.60 -0.87 -40.81
N ALA A 596 -2.02 -1.74 -39.97
CA ALA A 596 -2.55 -2.00 -38.64
C ALA A 596 -1.74 -1.23 -37.61
N LEU A 597 -2.45 -0.64 -36.65
CA LEU A 597 -1.82 0.11 -35.58
C LEU A 597 -0.86 -0.78 -34.79
N LEU A 598 0.41 -0.38 -34.73
CA LEU A 598 1.42 -1.24 -34.13
C LEU A 598 2.52 -0.40 -33.52
N LYS A 599 3.01 -0.82 -32.35
CA LYS A 599 4.13 -0.15 -31.72
C LYS A 599 5.33 -0.12 -32.65
N THR A 600 6.03 1.02 -32.66
CA THR A 600 7.24 1.16 -33.46
C THR A 600 8.32 1.83 -32.63
N ARG A 601 9.53 1.29 -32.70
CA ARG A 601 10.68 1.89 -32.01
C ARG A 601 11.31 3.02 -32.79
N TYR A 602 10.88 3.27 -34.03
CA TYR A 602 11.47 4.29 -34.89
C TYR A 602 10.74 5.61 -34.83
N ILE A 603 9.73 5.72 -33.97
CA ILE A 603 9.10 7.00 -33.66
C ILE A 603 9.47 7.30 -32.22
N PRO A 604 10.57 8.01 -31.98
CA PRO A 604 11.00 8.25 -30.61
C PRO A 604 10.01 9.17 -29.88
N VAL A 605 9.92 8.94 -28.57
CA VAL A 605 8.95 9.61 -27.70
C VAL A 605 9.72 10.41 -26.66
N TYR A 606 9.19 11.58 -26.32
CA TYR A 606 9.84 12.52 -25.43
C TYR A 606 8.84 13.00 -24.38
N ASP A 607 9.34 13.23 -23.18
CA ASP A 607 8.55 13.77 -22.07
C ASP A 607 9.26 15.02 -21.59
N ASP A 608 8.64 16.17 -21.79
CA ASP A 608 9.22 17.47 -21.40
C ASP A 608 10.55 17.73 -22.09
N GLY A 609 10.73 17.15 -23.28
CA GLY A 609 11.96 17.28 -24.03
C GLY A 609 12.95 16.15 -23.85
N ARG A 610 12.68 15.22 -22.92
CA ARG A 610 13.62 14.15 -22.60
C ARG A 610 13.21 12.87 -23.30
N LEU A 611 14.16 12.26 -24.02
CA LEU A 611 13.91 11.00 -24.71
C LEU A 611 13.62 9.88 -23.71
N VAL A 612 12.44 9.26 -23.83
CA VAL A 612 12.05 8.17 -22.94
C VAL A 612 11.79 6.86 -23.68
N PHE A 613 11.89 6.84 -25.00
CA PHE A 613 11.63 5.62 -25.75
C PHE A 613 12.01 5.81 -27.21
N GLY A 614 12.47 4.73 -27.83
CA GLY A 614 12.67 4.70 -29.27
C GLY A 614 14.01 5.26 -29.68
N HIS A 615 14.23 5.28 -30.99
CA HIS A 615 15.51 5.63 -31.57
C HIS A 615 15.35 6.75 -32.60
N GLU A 616 16.25 7.72 -32.54
CA GLU A 616 16.41 8.68 -33.62
C GLU A 616 17.29 8.07 -34.70
N PRO A 617 17.28 8.65 -35.91
CA PRO A 617 18.22 8.17 -36.93
C PRO A 617 19.68 8.39 -36.50
#